data_3BP5
#
_entry.id   3BP5
#
_cell.length_a   43.933
_cell.length_b   84.056
_cell.length_c   52.108
_cell.angle_alpha   90.00
_cell.angle_beta   107.88
_cell.angle_gamma   90.00
#
_symmetry.space_group_name_H-M   'P 1 21 1'
#
loop_
_entity.id
_entity.type
_entity.pdbx_description
1 polymer 'Programmed cell death protein 1'
2 polymer 'Programmed cell death 1 ligand 2'
3 non-polymer GLYCEROL
4 water water
#
loop_
_entity_poly.entity_id
_entity_poly.type
_entity_poly.pdbx_seq_one_letter_code
_entity_poly.pdbx_strand_id
1 'polypeptide(L)'
;SLTFYPAWLTVSEGANATFTCSLSNWSEDLMLNWNRLSPSNQTEKQAAFSNGLSQPVQDARFQIIQLPNRHDFHMNILDT
RRNDSGIYLCGAISLHPKAKIEESPGAELVVTERILE
;
A
2 'polypeptide(L)'
;MLFTVTAPKEVYTVDVGSSVSLECDFDRRECTELEGIRASLQKVENDTSLQSERATLLEEQLPLGKALFHIPSVQVRDSG
QYRCLVICGAAWDYKYLTVKVKASYMRIDTRILEVPGTGEVQLTCQARGYPLAEVSWQNVSVPANTSHIRTPEGLYQVTS
VLRLKPQPSRNFSCMFWNAHMKELTSAIIDPLSRMEPKVPRT
;
B
#
loop_
_chem_comp.id
_chem_comp.type
_chem_comp.name
_chem_comp.formula
GOL non-polymer GLYCEROL 'C3 H8 O3'
#
# COMPACT_ATOMS: atom_id res chain seq x y z
N SER A 1 6.05 -20.26 5.12
CA SER A 1 6.92 -19.92 3.96
C SER A 1 6.35 -20.53 2.68
N LEU A 2 6.24 -19.75 1.61
CA LEU A 2 5.74 -20.26 0.31
C LEU A 2 6.69 -19.92 -0.83
N THR A 3 6.92 -20.88 -1.72
CA THR A 3 7.65 -20.59 -2.95
C THR A 3 6.72 -20.90 -4.12
N PHE A 4 7.00 -20.27 -5.26
CA PHE A 4 6.13 -20.35 -6.45
C PHE A 4 7.08 -20.38 -7.63
N TYR A 5 7.13 -21.52 -8.33
CA TYR A 5 8.17 -21.73 -9.30
C TYR A 5 7.87 -22.61 -10.51
N PRO A 6 8.31 -22.15 -11.69
CA PRO A 6 9.60 -21.55 -11.98
C PRO A 6 9.33 -20.03 -11.89
N ALA A 7 10.38 -19.24 -11.65
CA ALA A 7 10.20 -17.81 -11.42
C ALA A 7 9.76 -17.15 -12.73
N TRP A 8 10.01 -17.79 -13.85
CA TRP A 8 9.37 -17.36 -15.09
C TRP A 8 9.10 -18.58 -15.94
N LEU A 9 8.04 -18.49 -16.71
CA LEU A 9 7.59 -19.61 -17.51
C LEU A 9 7.12 -19.04 -18.84
N THR A 10 7.56 -19.62 -19.95
CA THR A 10 7.13 -19.15 -21.27
C THR A 10 6.55 -20.33 -22.06
N VAL A 11 5.34 -20.16 -22.61
CA VAL A 11 4.71 -21.21 -23.39
C VAL A 11 3.99 -20.63 -24.59
N SER A 12 3.75 -21.47 -25.59
CA SER A 12 2.95 -21.07 -26.74
C SER A 12 1.50 -21.16 -26.37
N GLU A 13 0.67 -20.30 -26.94
CA GLU A 13 -0.76 -20.37 -26.68
C GLU A 13 -1.30 -21.77 -27.03
N GLY A 14 -2.16 -22.27 -26.15
CA GLY A 14 -2.74 -23.60 -26.26
C GLY A 14 -2.11 -24.55 -25.26
N ALA A 15 -0.90 -24.21 -24.80
CA ALA A 15 -0.19 -25.10 -23.87
C ALA A 15 -0.87 -25.07 -22.51
N ASN A 16 -0.82 -26.18 -21.79
CA ASN A 16 -1.35 -26.22 -20.43
C ASN A 16 -0.18 -25.97 -19.52
N ALA A 17 -0.09 -24.76 -18.95
CA ALA A 17 1.08 -24.35 -18.20
C ALA A 17 0.98 -24.70 -16.73
N THR A 18 2.10 -24.93 -16.07
CA THR A 18 2.13 -25.27 -14.63
C THR A 18 3.12 -24.41 -13.82
N PHE A 19 2.65 -23.85 -12.69
CA PHE A 19 3.55 -23.34 -11.63
C PHE A 19 3.36 -24.25 -10.45
N THR A 20 4.36 -24.34 -9.59
CA THR A 20 4.21 -25.15 -8.38
C THR A 20 4.28 -24.19 -7.20
N CYS A 21 3.26 -24.23 -6.35
CA CYS A 21 3.25 -23.49 -5.10
C CYS A 21 3.63 -24.50 -4.02
N SER A 22 4.68 -24.21 -3.27
N SER A 22 4.66 -24.19 -3.25
CA SER A 22 5.18 -25.12 -2.23
CA SER A 22 5.17 -25.12 -2.23
C SER A 22 5.12 -24.45 -0.86
C SER A 22 5.12 -24.45 -0.86
N LEU A 23 4.50 -25.14 0.10
CA LEU A 23 4.34 -24.61 1.46
C LEU A 23 5.31 -25.29 2.40
N SER A 24 5.86 -24.55 3.36
CA SER A 24 6.73 -25.13 4.39
C SER A 24 5.93 -25.99 5.37
N ASN A 25 4.69 -25.58 5.63
CA ASN A 25 3.80 -26.30 6.52
C ASN A 25 2.36 -26.35 6.04
N TRP A 26 1.89 -27.55 5.73
CA TRP A 26 0.49 -27.74 5.39
C TRP A 26 -0.31 -28.20 6.60
N SER A 27 -1.55 -27.73 6.71
CA SER A 27 -2.53 -28.30 7.63
C SER A 27 -3.91 -28.06 7.05
N GLU A 28 -4.86 -28.94 7.36
CA GLU A 28 -6.15 -28.92 6.65
C GLU A 28 -7.07 -27.73 6.96
N ASP A 29 -6.65 -26.84 7.86
CA ASP A 29 -7.36 -25.58 8.06
C ASP A 29 -6.88 -24.49 7.09
N LEU A 30 -5.73 -24.69 6.45
CA LEU A 30 -5.19 -23.69 5.51
C LEU A 30 -6.08 -23.55 4.29
N MET A 31 -6.17 -22.33 3.76
CA MET A 31 -6.89 -22.05 2.53
C MET A 31 -5.87 -21.42 1.61
N LEU A 32 -5.70 -21.99 0.42
CA LEU A 32 -4.66 -21.53 -0.50
C LEU A 32 -5.26 -20.78 -1.70
N ASN A 33 -4.82 -19.56 -1.97
CA ASN A 33 -5.34 -18.78 -3.10
C ASN A 33 -4.27 -18.59 -4.14
N TRP A 34 -4.68 -18.52 -5.39
CA TRP A 34 -3.75 -18.28 -6.48
C TRP A 34 -4.17 -16.92 -7.01
N ASN A 35 -3.25 -15.95 -6.98
CA ASN A 35 -3.56 -14.58 -7.39
C ASN A 35 -2.75 -14.14 -8.57
N ARG A 36 -3.28 -13.12 -9.27
CA ARG A 36 -2.62 -12.44 -10.40
C ARG A 36 -2.47 -10.97 -10.06
N LEU A 37 -1.36 -10.36 -10.45
CA LEU A 37 -1.15 -8.93 -10.22
C LEU A 37 -1.71 -8.06 -11.35
N SER A 38 -2.32 -6.94 -10.98
CA SER A 38 -2.85 -6.00 -11.97
C SER A 38 -1.67 -5.10 -12.39
N PRO A 39 -1.89 -4.20 -13.38
CA PRO A 39 -0.88 -3.21 -13.79
C PRO A 39 -0.35 -2.32 -12.67
N SER A 40 -1.18 -2.07 -11.65
CA SER A 40 -0.78 -1.31 -10.47
C SER A 40 -0.36 -2.22 -9.32
N ASN A 41 -0.12 -3.50 -9.62
CA ASN A 41 0.34 -4.49 -8.62
C ASN A 41 -0.66 -4.84 -7.52
N GLN A 42 -1.94 -4.67 -7.84
CA GLN A 42 -2.98 -5.12 -6.96
C GLN A 42 -3.19 -6.62 -7.14
N THR A 43 -3.48 -7.34 -6.07
CA THR A 43 -3.78 -8.77 -6.16
CA THR A 43 -3.76 -8.76 -6.17
C THR A 43 -5.20 -9.04 -6.66
N GLU A 44 -5.36 -10.09 -7.47
CA GLU A 44 -6.66 -10.44 -8.02
C GLU A 44 -6.80 -11.93 -7.95
N LYS A 45 -7.84 -12.40 -7.28
CA LYS A 45 -7.96 -13.82 -7.00
C LYS A 45 -8.38 -14.60 -8.25
N GLN A 46 -7.65 -15.67 -8.57
CA GLN A 46 -7.91 -16.50 -9.76
C GLN A 46 -8.67 -17.77 -9.38
N ALA A 47 -8.24 -18.38 -8.27
CA ALA A 47 -8.74 -19.68 -7.86
C ALA A 47 -8.35 -19.89 -6.40
N ALA A 48 -9.03 -20.83 -5.74
CA ALA A 48 -8.74 -21.18 -4.36
C ALA A 48 -8.76 -22.70 -4.14
N PHE A 49 -8.00 -23.15 -3.15
CA PHE A 49 -8.05 -24.55 -2.74
C PHE A 49 -8.35 -24.58 -1.26
N SER A 50 -9.43 -25.25 -0.87
CA SER A 50 -9.73 -25.42 0.54
C SER A 50 -10.65 -26.62 0.71
N ASN A 51 -10.52 -27.29 1.84
CA ASN A 51 -11.26 -28.54 2.10
C ASN A 51 -11.20 -29.53 0.94
N GLY A 52 -10.01 -29.66 0.34
CA GLY A 52 -9.75 -30.61 -0.73
C GLY A 52 -10.29 -30.27 -2.12
N LEU A 53 -10.78 -29.05 -2.30
CA LEU A 53 -11.42 -28.69 -3.57
CA LEU A 53 -11.44 -28.67 -3.54
C LEU A 53 -10.85 -27.42 -4.19
N SER A 54 -10.59 -27.50 -5.50
CA SER A 54 -10.15 -26.37 -6.28
C SER A 54 -11.40 -25.64 -6.75
N GLN A 55 -11.41 -24.32 -6.61
CA GLN A 55 -12.55 -23.50 -6.94
C GLN A 55 -12.07 -22.28 -7.76
N PRO A 56 -12.33 -22.27 -9.07
CA PRO A 56 -11.94 -21.10 -9.86
C PRO A 56 -12.90 -19.95 -9.63
N VAL A 57 -12.40 -18.71 -9.70
CA VAL A 57 -13.24 -17.54 -9.44
C VAL A 57 -14.15 -17.24 -10.63
N GLN A 58 -13.60 -17.24 -11.84
CA GLN A 58 -14.39 -16.89 -13.01
C GLN A 58 -13.90 -17.54 -14.30
N ASP A 59 -12.74 -18.20 -14.22
CA ASP A 59 -12.18 -18.91 -15.39
C ASP A 59 -11.76 -20.30 -15.00
N ALA A 60 -12.51 -21.31 -15.45
CA ALA A 60 -12.23 -22.71 -15.05
C ALA A 60 -10.95 -23.32 -15.61
N ARG A 61 -10.26 -22.59 -16.49
CA ARG A 61 -8.93 -23.02 -16.95
C ARG A 61 -7.91 -22.94 -15.81
N PHE A 62 -8.22 -22.20 -14.75
CA PHE A 62 -7.36 -22.09 -13.57
C PHE A 62 -7.67 -23.20 -12.55
N GLN A 63 -6.80 -24.18 -12.48
CA GLN A 63 -6.97 -25.34 -11.62
C GLN A 63 -5.82 -25.49 -10.66
N ILE A 64 -6.14 -25.81 -9.40
CA ILE A 64 -5.15 -26.08 -8.38
C ILE A 64 -5.27 -27.55 -8.01
N ILE A 65 -4.16 -28.29 -8.09
CA ILE A 65 -4.12 -29.71 -7.73
CA ILE A 65 -4.12 -29.71 -7.73
C ILE A 65 -3.10 -29.91 -6.61
N GLN A 66 -3.56 -30.46 -5.47
CA GLN A 66 -2.66 -30.74 -4.37
C GLN A 66 -1.95 -32.05 -4.67
N LEU A 67 -0.63 -32.04 -4.55
CA LEU A 67 0.13 -33.23 -4.89
C LEU A 67 0.15 -34.15 -3.66
N PRO A 68 0.47 -35.44 -3.85
CA PRO A 68 0.38 -36.43 -2.75
C PRO A 68 1.12 -36.09 -1.44
N ASN A 69 2.22 -35.34 -1.50
CA ASN A 69 2.91 -34.92 -0.28
C ASN A 69 2.25 -33.74 0.46
N ARG A 70 1.09 -33.30 -0.04
CA ARG A 70 0.21 -32.30 0.58
C ARG A 70 0.79 -30.90 0.70
N HIS A 71 2.10 -30.77 0.50
CA HIS A 71 2.77 -29.48 0.63
C HIS A 71 2.96 -28.75 -0.70
N ASP A 72 2.97 -29.51 -1.80
CA ASP A 72 3.22 -28.92 -3.12
C ASP A 72 1.91 -28.95 -3.88
N PHE A 73 1.69 -27.93 -4.71
CA PHE A 73 0.44 -27.82 -5.42
C PHE A 73 0.80 -27.45 -6.83
N HIS A 74 0.11 -28.05 -7.78
CA HIS A 74 0.23 -27.62 -9.14
C HIS A 74 -0.85 -26.56 -9.43
N MET A 75 -0.41 -25.37 -9.85
CA MET A 75 -1.29 -24.30 -10.26
C MET A 75 -1.24 -24.32 -11.78
N ASN A 76 -2.28 -24.88 -12.39
CA ASN A 76 -2.30 -25.10 -13.84
C ASN A 76 -3.20 -24.13 -14.57
N ILE A 77 -2.72 -23.53 -15.66
CA ILE A 77 -3.60 -22.79 -16.57
C ILE A 77 -3.80 -23.67 -17.81
N LEU A 78 -5.00 -24.19 -17.99
CA LEU A 78 -5.32 -24.99 -19.15
C LEU A 78 -5.48 -24.11 -20.37
N ASP A 79 -5.01 -24.60 -21.51
CA ASP A 79 -5.30 -23.92 -22.78
C ASP A 79 -4.95 -22.45 -22.71
N THR A 80 -3.68 -22.16 -22.46
CA THR A 80 -3.24 -20.78 -22.26
C THR A 80 -3.56 -19.89 -23.42
N ARG A 81 -3.82 -18.63 -23.10
CA ARG A 81 -4.06 -17.60 -24.12
C ARG A 81 -3.11 -16.42 -23.90
N ARG A 82 -2.91 -15.58 -24.92
CA ARG A 82 -1.95 -14.47 -24.82
C ARG A 82 -2.27 -13.61 -23.59
N ASN A 83 -3.56 -13.46 -23.30
CA ASN A 83 -4.05 -12.60 -22.21
C ASN A 83 -3.74 -13.11 -20.81
N ASP A 84 -3.27 -14.36 -20.70
CA ASP A 84 -2.82 -14.90 -19.43
C ASP A 84 -1.44 -14.39 -19.03
N SER A 85 -0.71 -13.76 -19.97
CA SER A 85 0.65 -13.31 -19.67
C SER A 85 0.61 -12.30 -18.51
N GLY A 86 1.42 -12.54 -17.48
CA GLY A 86 1.46 -11.59 -16.35
C GLY A 86 2.14 -12.21 -15.15
N ILE A 87 1.96 -11.60 -13.98
CA ILE A 87 2.65 -12.05 -12.78
C ILE A 87 1.63 -12.68 -11.85
N TYR A 88 2.00 -13.82 -11.29
CA TYR A 88 1.12 -14.59 -10.43
C TYR A 88 1.83 -14.91 -9.13
N LEU A 89 1.05 -15.23 -8.11
CA LEU A 89 1.61 -15.65 -6.85
CA LEU A 89 1.60 -15.62 -6.82
C LEU A 89 0.60 -16.52 -6.11
N CYS A 90 1.05 -17.23 -5.09
CA CYS A 90 0.12 -17.95 -4.23
C CYS A 90 0.14 -17.32 -2.83
N GLY A 91 -0.98 -17.45 -2.13
CA GLY A 91 -1.12 -16.87 -0.78
C GLY A 91 -1.89 -17.86 0.07
N ALA A 92 -1.59 -17.88 1.36
CA ALA A 92 -2.23 -18.80 2.30
C ALA A 92 -2.57 -18.08 3.59
N ILE A 93 -3.68 -18.47 4.18
CA ILE A 93 -4.08 -18.04 5.51
C ILE A 93 -4.74 -19.25 6.18
N SER A 94 -4.66 -19.32 7.51
CA SER A 94 -5.42 -20.30 8.26
C SER A 94 -6.71 -19.68 8.78
N LEU A 95 -7.60 -20.51 9.30
CA LEU A 95 -8.86 -20.03 9.85
C LEU A 95 -8.71 -19.62 11.32
N HIS A 96 -7.46 -19.53 11.79
CA HIS A 96 -7.18 -19.25 13.21
C HIS A 96 -7.29 -17.78 13.60
N PRO A 97 -7.82 -17.52 14.81
CA PRO A 97 -8.03 -16.17 15.36
C PRO A 97 -6.88 -15.21 15.08
N LYS A 98 -5.65 -15.70 15.26
CA LYS A 98 -4.47 -14.90 14.95
C LYS A 98 -3.72 -15.48 13.73
N ALA A 99 -4.09 -15.00 12.54
CA ALA A 99 -3.48 -15.47 11.29
C ALA A 99 -2.95 -14.35 10.43
N LYS A 100 -1.73 -14.53 9.93
CA LYS A 100 -1.11 -13.56 9.04
C LYS A 100 -1.32 -14.03 7.61
N ILE A 101 -1.53 -13.09 6.70
CA ILE A 101 -1.51 -13.41 5.28
C ILE A 101 -0.05 -13.73 4.94
N GLU A 102 0.19 -14.91 4.38
CA GLU A 102 1.50 -15.26 3.86
C GLU A 102 1.48 -15.45 2.35
N GLU A 103 2.48 -14.88 1.68
CA GLU A 103 2.55 -14.91 0.23
C GLU A 103 3.87 -15.42 -0.29
N SER A 104 3.81 -16.09 -1.43
CA SER A 104 5.00 -16.45 -2.17
C SER A 104 5.50 -15.23 -2.97
N PRO A 105 6.77 -15.26 -3.40
CA PRO A 105 7.21 -14.28 -4.41
C PRO A 105 6.41 -14.42 -5.70
N GLY A 106 6.43 -13.38 -6.54
CA GLY A 106 5.73 -13.42 -7.85
C GLY A 106 6.46 -14.32 -8.86
N ALA A 107 5.72 -14.83 -9.85
CA ALA A 107 6.32 -15.59 -10.95
C ALA A 107 5.70 -15.10 -12.23
N GLU A 108 6.48 -15.00 -13.32
CA GLU A 108 5.97 -14.38 -14.53
C GLU A 108 5.64 -15.44 -15.57
N LEU A 109 4.47 -15.32 -16.18
CA LEU A 109 4.08 -16.13 -17.32
C LEU A 109 4.09 -15.29 -18.60
N VAL A 110 4.68 -15.82 -19.66
CA VAL A 110 4.59 -15.20 -20.97
C VAL A 110 4.03 -16.26 -21.89
N VAL A 111 2.89 -15.96 -22.50
CA VAL A 111 2.27 -16.86 -23.44
C VAL A 111 2.43 -16.23 -24.82
N THR A 112 3.16 -16.92 -25.70
CA THR A 112 3.50 -16.39 -27.03
C THR A 112 2.53 -16.87 -28.10
N GLU A 113 2.59 -16.23 -29.27
CA GLU A 113 1.74 -16.59 -30.39
C GLU A 113 2.06 -17.98 -30.95
N ARG A 114 1.00 -18.69 -31.32
CA ARG A 114 1.01 -19.96 -32.07
C ARG A 114 1.88 -21.09 -31.49
N MET B 1 -17.04 -21.72 -2.52
CA MET B 1 -17.80 -20.49 -2.92
C MET B 1 -16.91 -19.53 -3.73
N LEU B 2 -17.53 -18.63 -4.49
CA LEU B 2 -16.81 -17.71 -5.39
C LEU B 2 -16.43 -16.38 -4.75
N PHE B 3 -16.05 -16.43 -3.48
CA PHE B 3 -15.89 -15.23 -2.67
C PHE B 3 -14.71 -14.34 -3.09
N THR B 4 -14.97 -13.08 -3.42
CA THR B 4 -13.90 -12.13 -3.69
C THR B 4 -14.06 -10.81 -2.91
N VAL B 5 -12.96 -10.07 -2.80
CA VAL B 5 -12.91 -8.76 -2.15
C VAL B 5 -12.34 -7.80 -3.21
N THR B 6 -12.93 -6.61 -3.36
CA THR B 6 -12.38 -5.55 -4.22
C THR B 6 -12.06 -4.29 -3.42
N ALA B 7 -11.11 -3.50 -3.91
CA ALA B 7 -10.72 -2.26 -3.26
C ALA B 7 -10.98 -1.13 -4.24
N PRO B 8 -12.03 -0.33 -3.97
CA PRO B 8 -12.43 0.72 -4.90
C PRO B 8 -11.37 1.81 -5.08
N LYS B 9 -10.51 1.96 -4.07
CA LYS B 9 -9.50 2.99 -4.03
C LYS B 9 -8.20 2.33 -3.59
N GLU B 10 -7.13 2.55 -4.34
CA GLU B 10 -5.87 1.86 -4.04
C GLU B 10 -4.90 2.70 -3.21
N VAL B 11 -4.96 4.02 -3.40
CA VAL B 11 -4.07 4.94 -2.71
C VAL B 11 -4.90 6.02 -2.00
N TYR B 12 -4.66 6.19 -0.69
CA TYR B 12 -5.34 7.21 0.10
C TYR B 12 -4.29 8.23 0.47
N THR B 13 -4.59 9.50 0.24
CA THR B 13 -3.66 10.56 0.68
C THR B 13 -4.33 11.29 1.83
N VAL B 14 -3.67 11.30 2.98
CA VAL B 14 -4.29 11.74 4.23
C VAL B 14 -3.47 12.85 4.91
N ASP B 15 -4.14 13.90 5.40
CA ASP B 15 -3.45 14.94 6.16
C ASP B 15 -3.09 14.40 7.54
N VAL B 16 -1.87 14.63 8.00
CA VAL B 16 -1.52 14.26 9.37
C VAL B 16 -2.48 14.96 10.34
N GLY B 17 -3.06 14.21 11.28
CA GLY B 17 -4.02 14.79 12.20
C GLY B 17 -5.46 14.61 11.78
N SER B 18 -5.71 13.97 10.64
CA SER B 18 -7.06 13.71 10.19
C SER B 18 -7.29 12.22 10.05
N SER B 19 -8.56 11.80 9.93
CA SER B 19 -8.84 10.34 9.90
C SER B 19 -8.74 9.78 8.49
N VAL B 20 -8.68 8.46 8.38
CA VAL B 20 -8.89 7.79 7.08
C VAL B 20 -9.87 6.66 7.27
N SER B 21 -10.72 6.41 6.27
CA SER B 21 -11.62 5.24 6.31
C SER B 21 -11.29 4.34 5.13
N LEU B 22 -10.58 3.25 5.40
CA LEU B 22 -10.06 2.41 4.32
C LEU B 22 -11.15 1.39 3.98
N GLU B 23 -11.47 1.29 2.70
CA GLU B 23 -12.62 0.45 2.33
C GLU B 23 -12.27 -0.73 1.44
N CYS B 24 -12.90 -1.86 1.72
CA CYS B 24 -12.86 -2.97 0.77
C CYS B 24 -14.25 -3.55 0.71
N ASP B 25 -14.74 -3.74 -0.52
CA ASP B 25 -16.06 -4.32 -0.75
C ASP B 25 -15.95 -5.82 -0.92
N PHE B 26 -17.01 -6.54 -0.62
CA PHE B 26 -16.96 -7.98 -0.77
C PHE B 26 -18.29 -8.49 -1.32
N ASP B 27 -18.26 -9.73 -1.79
CA ASP B 27 -19.37 -10.34 -2.48
C ASP B 27 -20.36 -10.94 -1.47
N ARG B 28 -21.55 -10.33 -1.38
CA ARG B 28 -22.58 -10.76 -0.41
C ARG B 28 -23.42 -11.92 -0.89
N ARG B 29 -23.52 -12.11 -2.20
CA ARG B 29 -24.33 -13.19 -2.73
C ARG B 29 -23.61 -14.54 -2.60
N GLU B 30 -22.29 -14.49 -2.49
CA GLU B 30 -21.51 -15.71 -2.23
C GLU B 30 -21.14 -15.84 -0.76
N CYS B 31 -21.47 -14.81 0.00
CA CYS B 31 -21.38 -14.86 1.45
C CYS B 31 -22.69 -14.34 2.03
N THR B 32 -23.76 -15.14 1.88
CA THR B 32 -25.06 -14.82 2.46
C THR B 32 -25.03 -14.99 3.98
N GLU B 33 -24.21 -15.93 4.43
CA GLU B 33 -23.95 -16.17 5.85
C GLU B 33 -23.15 -15.02 6.47
N LEU B 34 -23.86 -13.96 6.86
CA LEU B 34 -23.23 -12.75 7.41
C LEU B 34 -22.69 -13.00 8.83
N GLU B 35 -23.15 -14.08 9.45
CA GLU B 35 -22.77 -14.42 10.82
C GLU B 35 -21.29 -14.82 10.92
N GLY B 36 -20.80 -15.54 9.92
CA GLY B 36 -19.44 -16.06 9.95
C GLY B 36 -18.46 -15.26 9.12
N ILE B 37 -18.72 -13.98 8.94
CA ILE B 37 -17.78 -13.10 8.23
C ILE B 37 -16.70 -12.61 9.19
N ARG B 38 -15.45 -12.59 8.73
CA ARG B 38 -14.37 -12.04 9.55
C ARG B 38 -13.60 -11.07 8.69
N ALA B 39 -13.78 -9.78 8.95
CA ALA B 39 -13.08 -8.74 8.19
C ALA B 39 -11.97 -8.15 9.06
N SER B 40 -10.77 -8.00 8.51
CA SER B 40 -9.70 -7.40 9.30
C SER B 40 -8.73 -6.59 8.46
N LEU B 41 -7.91 -5.75 9.11
CA LEU B 41 -6.90 -4.96 8.41
C LEU B 41 -5.51 -5.26 8.97
N GLN B 42 -4.54 -5.47 8.08
CA GLN B 42 -3.17 -5.69 8.49
C GLN B 42 -2.24 -4.63 7.93
N LYS B 43 -1.23 -4.24 8.70
CA LYS B 43 -0.20 -3.36 8.16
C LYS B 43 1.02 -4.21 7.83
N VAL B 44 1.61 -3.99 6.65
CA VAL B 44 2.81 -4.75 6.32
C VAL B 44 4.07 -4.04 6.76
N GLU B 45 4.84 -4.70 7.63
CA GLU B 45 6.11 -4.17 8.12
C GLU B 45 7.13 -5.28 8.33
N ASN B 46 8.33 -5.06 7.78
CA ASN B 46 9.42 -6.05 7.75
C ASN B 46 9.04 -7.29 6.95
N ASP B 47 8.26 -7.05 5.88
CA ASP B 47 7.63 -8.10 5.06
C ASP B 47 6.78 -9.06 5.90
N THR B 48 6.13 -8.51 6.93
CA THR B 48 5.26 -9.27 7.81
C THR B 48 3.93 -8.55 7.95
N SER B 49 2.86 -9.28 7.65
CA SER B 49 1.50 -8.74 7.63
C SER B 49 0.84 -9.01 8.97
N LEU B 50 0.95 -8.07 9.89
CA LEU B 50 0.33 -8.18 11.23
C LEU B 50 -0.93 -7.32 11.35
N GLN B 51 -1.91 -7.79 12.11
CA GLN B 51 -3.17 -7.06 12.31
C GLN B 51 -2.91 -5.65 12.84
N SER B 52 -3.68 -4.69 12.34
CA SER B 52 -3.56 -3.30 12.76
C SER B 52 -4.23 -3.10 14.13
N GLU B 53 -3.58 -2.33 14.99
CA GLU B 53 -4.17 -1.99 16.28
C GLU B 53 -4.60 -0.52 16.35
N ARG B 54 -4.49 0.15 15.21
CA ARG B 54 -4.94 1.53 15.05
C ARG B 54 -6.33 1.61 14.47
N ALA B 55 -6.70 0.64 13.64
CA ALA B 55 -7.97 0.69 12.93
C ALA B 55 -9.15 0.01 13.64
N THR B 56 -10.31 0.62 13.52
CA THR B 56 -11.55 0.06 14.00
C THR B 56 -12.47 -0.25 12.81
N LEU B 57 -12.94 -1.50 12.75
CA LEU B 57 -13.92 -1.90 11.75
C LEU B 57 -15.28 -1.26 12.04
N LEU B 58 -15.83 -0.58 11.05
CA LEU B 58 -17.15 -0.01 11.23
C LEU B 58 -18.12 -1.08 10.77
N GLU B 59 -18.47 -1.99 11.68
CA GLU B 59 -19.19 -3.23 11.33
C GLU B 59 -20.62 -3.01 10.84
N GLU B 60 -21.15 -1.81 11.06
CA GLU B 60 -22.48 -1.45 10.57
C GLU B 60 -22.57 -1.37 9.04
N GLN B 61 -21.42 -1.46 8.38
CA GLN B 61 -21.35 -1.41 6.92
C GLN B 61 -21.26 -2.81 6.31
N LEU B 62 -20.93 -3.80 7.15
CA LEU B 62 -20.83 -5.18 6.70
C LEU B 62 -22.06 -5.73 5.96
N PRO B 63 -23.28 -5.57 6.53
CA PRO B 63 -24.48 -5.98 5.78
C PRO B 63 -24.61 -5.43 4.36
N LEU B 64 -23.98 -4.29 4.11
CA LEU B 64 -23.99 -3.66 2.77
C LEU B 64 -22.81 -4.10 1.87
N GLY B 65 -22.04 -5.11 2.30
CA GLY B 65 -20.93 -5.61 1.48
C GLY B 65 -19.69 -4.72 1.51
N LYS B 66 -19.53 -3.93 2.57
CA LYS B 66 -18.41 -3.02 2.69
CA LYS B 66 -18.40 -3.02 2.68
C LYS B 66 -17.69 -3.20 4.02
N ALA B 67 -16.39 -3.51 3.96
CA ALA B 67 -15.54 -3.55 5.14
C ALA B 67 -14.83 -2.19 5.24
N LEU B 68 -15.16 -1.39 6.24
CA LEU B 68 -14.59 -0.05 6.35
C LEU B 68 -13.78 0.02 7.63
N PHE B 69 -12.54 0.48 7.54
CA PHE B 69 -11.63 0.47 8.67
C PHE B 69 -11.22 1.88 8.98
N HIS B 70 -11.59 2.36 10.16
CA HIS B 70 -11.38 3.77 10.51
C HIS B 70 -10.11 3.97 11.35
N ILE B 71 -9.23 4.84 10.90
CA ILE B 71 -8.05 5.17 11.70
C ILE B 71 -8.11 6.66 12.06
N PRO B 72 -8.18 6.97 13.38
CA PRO B 72 -8.27 8.39 13.79
C PRO B 72 -6.90 9.06 13.86
N SER B 73 -6.87 10.36 13.55
CA SER B 73 -5.66 11.19 13.71
C SER B 73 -4.41 10.50 13.17
N VAL B 74 -4.39 10.33 11.86
CA VAL B 74 -3.33 9.62 11.14
C VAL B 74 -2.01 10.34 11.29
N GLN B 75 -0.96 9.58 11.62
CA GLN B 75 0.39 10.15 11.77
C GLN B 75 1.37 9.62 10.72
N VAL B 76 2.58 10.16 10.69
CA VAL B 76 3.55 9.68 9.71
C VAL B 76 3.79 8.17 9.89
N ARG B 77 3.82 7.68 11.12
CA ARG B 77 4.06 6.24 11.32
C ARG B 77 2.92 5.35 10.79
N ASP B 78 1.76 5.94 10.55
CA ASP B 78 0.64 5.22 9.91
C ASP B 78 0.72 5.09 8.39
N SER B 79 1.67 5.77 7.76
CA SER B 79 1.78 5.64 6.31
C SER B 79 2.36 4.28 5.92
N GLY B 80 2.09 3.87 4.68
CA GLY B 80 2.65 2.65 4.12
C GLY B 80 1.57 1.73 3.59
N GLN B 81 1.90 0.45 3.52
CA GLN B 81 1.03 -0.53 2.89
CA GLN B 81 0.98 -0.50 2.89
C GLN B 81 0.20 -1.31 3.89
N TYR B 82 -1.08 -1.49 3.57
CA TYR B 82 -2.02 -2.25 4.39
C TYR B 82 -2.64 -3.34 3.52
N ARG B 83 -3.22 -4.35 4.16
CA ARG B 83 -4.03 -5.37 3.50
CA ARG B 83 -4.03 -5.35 3.49
C ARG B 83 -5.37 -5.48 4.21
N CYS B 84 -6.44 -5.41 3.46
CA CYS B 84 -7.75 -5.69 4.01
C CYS B 84 -8.03 -7.15 3.67
N LEU B 85 -8.52 -7.89 4.65
CA LEU B 85 -8.70 -9.32 4.54
C LEU B 85 -10.12 -9.62 4.95
N VAL B 86 -10.85 -10.40 4.17
CA VAL B 86 -12.19 -10.86 4.56
C VAL B 86 -12.24 -12.38 4.37
N ILE B 87 -12.71 -13.06 5.42
CA ILE B 87 -12.94 -14.49 5.42
C ILE B 87 -14.43 -14.76 5.59
N CYS B 88 -14.99 -15.61 4.74
CA CYS B 88 -16.39 -16.01 4.81
C CYS B 88 -16.42 -17.52 4.66
N GLY B 89 -16.78 -18.24 5.74
CA GLY B 89 -16.74 -19.69 5.71
C GLY B 89 -15.36 -20.19 5.34
N ALA B 90 -15.30 -21.00 4.29
CA ALA B 90 -14.03 -21.62 3.90
C ALA B 90 -13.41 -20.94 2.66
N ALA B 91 -13.58 -19.63 2.57
CA ALA B 91 -13.03 -18.86 1.46
C ALA B 91 -12.53 -17.53 2.00
N TRP B 92 -11.59 -16.92 1.29
CA TRP B 92 -11.10 -15.61 1.71
C TRP B 92 -10.61 -14.83 0.51
N ASP B 93 -10.36 -13.55 0.70
CA ASP B 93 -9.65 -12.78 -0.34
C ASP B 93 -9.11 -11.56 0.37
N TYR B 94 -8.21 -10.85 -0.29
CA TYR B 94 -7.62 -9.65 0.28
C TYR B 94 -7.23 -8.65 -0.81
N LYS B 95 -6.95 -7.41 -0.41
CA LYS B 95 -6.49 -6.40 -1.34
C LYS B 95 -5.46 -5.56 -0.63
N TYR B 96 -4.54 -4.94 -1.37
CA TYR B 96 -3.54 -4.06 -0.77
C TYR B 96 -4.05 -2.63 -0.90
N LEU B 97 -3.69 -1.77 0.06
CA LEU B 97 -4.12 -0.38 0.06
C LEU B 97 -2.88 0.39 0.50
N THR B 98 -2.66 1.54 -0.10
CA THR B 98 -1.53 2.38 0.32
C THR B 98 -2.05 3.64 0.99
N VAL B 99 -1.47 3.99 2.14
CA VAL B 99 -1.75 5.26 2.78
C VAL B 99 -0.51 6.16 2.61
N LYS B 100 -0.68 7.28 1.90
CA LYS B 100 0.35 8.30 1.80
C LYS B 100 -0.06 9.43 2.75
N VAL B 101 0.88 10.02 3.46
CA VAL B 101 0.50 11.13 4.34
C VAL B 101 1.12 12.45 3.86
N LYS B 102 0.49 13.54 4.29
CA LYS B 102 0.85 14.92 3.93
CA LYS B 102 0.87 14.92 3.94
C LYS B 102 0.74 15.79 5.19
N ALA B 103 1.66 16.76 5.35
CA ALA B 103 1.47 17.82 6.34
C ALA B 103 1.89 19.13 5.67
N SER B 104 0.96 20.06 5.52
CA SER B 104 1.25 21.32 4.85
CA SER B 104 1.24 21.32 4.85
C SER B 104 2.29 22.13 5.62
N TYR B 105 3.23 22.72 4.89
CA TYR B 105 4.22 23.63 5.47
C TYR B 105 3.55 24.98 5.64
N MET B 106 2.51 25.02 6.47
CA MET B 106 1.65 26.21 6.60
C MET B 106 2.13 27.24 7.64
N ARG B 107 2.75 26.77 8.72
CA ARG B 107 3.31 27.67 9.72
CA ARG B 107 3.31 27.66 9.73
C ARG B 107 4.79 27.87 9.44
N ILE B 108 5.11 29.07 8.95
CA ILE B 108 6.48 29.38 8.63
C ILE B 108 6.97 30.44 9.62
N ASP B 109 7.93 30.06 10.45
CA ASP B 109 8.55 31.03 11.36
C ASP B 109 9.67 31.76 10.64
N THR B 110 9.76 33.08 10.85
CA THR B 110 10.78 33.90 10.19
C THR B 110 11.67 34.61 11.20
N ARG B 111 12.89 34.94 10.78
CA ARG B 111 13.82 35.74 11.59
C ARG B 111 14.63 36.67 10.70
N ILE B 112 14.97 37.84 11.22
CA ILE B 112 15.92 38.75 10.57
C ILE B 112 16.97 39.07 11.61
N LEU B 113 18.23 39.07 11.19
CA LEU B 113 19.35 39.39 12.09
C LEU B 113 20.40 40.14 11.28
N GLU B 114 21.07 41.10 11.92
CA GLU B 114 22.22 41.75 11.30
C GLU B 114 23.43 40.90 11.68
N VAL B 115 24.32 40.65 10.72
CA VAL B 115 25.49 39.82 11.00
C VAL B 115 26.62 40.76 11.41
N PRO B 116 26.98 40.79 12.72
CA PRO B 116 27.97 41.73 13.23
C PRO B 116 29.29 41.61 12.50
N GLY B 117 29.83 42.76 12.10
CA GLY B 117 31.05 42.83 11.32
C GLY B 117 30.78 43.01 9.84
N THR B 118 30.05 42.05 9.26
CA THR B 118 29.94 41.88 7.81
C THR B 118 29.08 42.91 7.06
N GLY B 119 28.17 43.57 7.78
CA GLY B 119 27.24 44.50 7.13
C GLY B 119 26.07 43.76 6.48
N GLU B 120 26.12 42.44 6.52
CA GLU B 120 25.08 41.62 5.90
C GLU B 120 23.90 41.37 6.83
N VAL B 121 22.78 40.99 6.25
CA VAL B 121 21.64 40.59 7.03
C VAL B 121 21.48 39.08 6.87
N GLN B 122 20.97 38.43 7.92
CA GLN B 122 20.69 37.00 7.88
C GLN B 122 19.20 36.77 8.05
N LEU B 123 18.59 36.12 7.07
CA LEU B 123 17.15 35.90 7.06
C LEU B 123 16.91 34.41 7.11
N THR B 124 15.96 34.00 7.94
CA THR B 124 15.67 32.59 8.16
C THR B 124 14.19 32.33 8.04
N CYS B 125 13.84 31.27 7.30
CA CYS B 125 12.52 30.69 7.34
C CYS B 125 12.61 29.24 7.82
N GLN B 126 11.66 28.83 8.65
CA GLN B 126 11.60 27.47 9.21
C GLN B 126 10.17 26.99 9.28
N ALA B 127 9.89 25.80 8.74
CA ALA B 127 8.52 25.26 8.76
C ALA B 127 8.60 23.76 8.86
N ARG B 128 7.59 23.17 9.49
CA ARG B 128 7.44 21.72 9.58
C ARG B 128 6.34 21.23 8.65
N GLY B 129 6.59 20.07 8.03
CA GLY B 129 5.57 19.48 7.18
C GLY B 129 6.03 18.14 6.68
N TYR B 130 5.29 17.60 5.71
CA TYR B 130 5.58 16.27 5.22
C TYR B 130 5.11 16.20 3.77
N PRO B 131 5.70 15.27 2.99
CA PRO B 131 7.11 15.02 2.73
C PRO B 131 8.06 16.19 2.74
N LEU B 132 9.29 15.96 2.28
CA LEU B 132 10.31 17.01 2.36
C LEU B 132 10.10 18.13 1.34
N ALA B 133 10.11 19.39 1.83
CA ALA B 133 9.93 20.57 1.00
C ALA B 133 11.27 21.04 0.51
N GLU B 134 11.27 21.70 -0.65
CA GLU B 134 12.42 22.46 -1.10
C GLU B 134 12.08 23.90 -0.81
N VAL B 135 13.11 24.73 -0.59
CA VAL B 135 12.88 26.14 -0.34
C VAL B 135 13.62 26.96 -1.38
N SER B 136 12.96 27.96 -1.94
CA SER B 136 13.68 28.99 -2.70
C SER B 136 13.26 30.36 -2.21
N TRP B 137 14.08 31.35 -2.51
CA TRP B 137 13.82 32.74 -2.15
C TRP B 137 13.55 33.50 -3.46
N GLN B 138 12.41 34.16 -3.51
CA GLN B 138 11.93 34.77 -4.75
C GLN B 138 12.79 35.96 -5.14
N ASN B 139 13.18 36.01 -6.42
CA ASN B 139 13.98 37.10 -7.00
C ASN B 139 15.29 37.41 -6.25
N VAL B 140 15.98 36.36 -5.81
CA VAL B 140 17.27 36.50 -5.14
C VAL B 140 18.26 35.62 -5.87
N SER B 141 19.39 36.19 -6.26
CA SER B 141 20.41 35.43 -6.99
C SER B 141 21.44 34.76 -6.07
N VAL B 142 21.59 35.29 -4.85
CA VAL B 142 22.44 34.69 -3.82
C VAL B 142 21.80 33.37 -3.36
N PRO B 143 22.57 32.27 -3.33
CA PRO B 143 22.04 31.00 -2.83
C PRO B 143 21.84 30.98 -1.31
N ALA B 144 20.75 30.34 -0.86
CA ALA B 144 20.52 30.18 0.56
C ALA B 144 21.08 28.83 0.98
N ASN B 145 21.20 28.63 2.29
CA ASN B 145 21.52 27.35 2.84
C ASN B 145 20.29 26.70 3.48
N THR B 146 19.85 25.58 2.90
CA THR B 146 18.65 24.86 3.37
C THR B 146 19.02 23.49 3.94
N SER B 147 18.41 23.15 5.06
CA SER B 147 18.67 21.87 5.70
C SER B 147 17.38 21.39 6.33
N HIS B 148 17.39 20.14 6.79
CA HIS B 148 16.25 19.61 7.50
C HIS B 148 16.67 18.66 8.62
N ILE B 149 15.78 18.48 9.59
CA ILE B 149 15.81 17.37 10.54
C ILE B 149 14.45 16.70 10.57
N ARG B 150 14.33 15.55 11.22
CA ARG B 150 13.01 14.96 11.49
C ARG B 150 12.54 15.30 12.89
N THR B 151 11.24 15.51 13.05
CA THR B 151 10.67 15.83 14.36
C THR B 151 10.26 14.50 15.00
N PRO B 152 9.99 14.49 16.32
CA PRO B 152 9.62 13.24 16.99
C PRO B 152 8.36 12.59 16.39
N GLU B 153 7.52 13.39 15.77
CA GLU B 153 6.27 12.89 15.21
C GLU B 153 6.47 12.43 13.76
N GLY B 154 7.69 12.57 13.25
CA GLY B 154 8.04 12.09 11.91
C GLY B 154 7.96 13.15 10.82
N LEU B 155 7.62 14.39 11.18
CA LEU B 155 7.61 15.47 10.19
C LEU B 155 9.04 15.88 9.83
N TYR B 156 9.19 16.66 8.76
CA TYR B 156 10.46 17.33 8.46
C TYR B 156 10.36 18.75 8.96
N GLN B 157 11.37 19.21 9.72
CA GLN B 157 11.54 20.61 10.00
C GLN B 157 12.61 21.11 9.03
N VAL B 158 12.18 21.96 8.11
CA VAL B 158 13.05 22.51 7.07
C VAL B 158 13.39 23.97 7.40
N THR B 159 14.68 24.31 7.42
CA THR B 159 15.14 25.63 7.80
C THR B 159 15.96 26.15 6.64
N SER B 160 15.70 27.39 6.22
CA SER B 160 16.46 28.00 5.12
C SER B 160 17.00 29.33 5.59
N VAL B 161 18.30 29.54 5.36
CA VAL B 161 19.01 30.73 5.86
C VAL B 161 19.67 31.43 4.68
N LEU B 162 19.33 32.70 4.46
CA LEU B 162 19.92 33.50 3.40
C LEU B 162 20.69 34.63 4.06
N ARG B 163 21.91 34.85 3.60
CA ARG B 163 22.74 35.92 4.13
C ARG B 163 23.16 36.79 2.95
N LEU B 164 22.89 38.08 3.04
CA LEU B 164 23.22 38.98 1.93
C LEU B 164 23.19 40.43 2.37
N LYS B 165 23.68 41.32 1.52
CA LYS B 165 23.56 42.74 1.78
C LYS B 165 22.13 43.18 1.43
N PRO B 166 21.39 43.70 2.43
CA PRO B 166 19.97 44.05 2.26
C PRO B 166 19.78 45.24 1.33
N GLN B 167 18.94 45.06 0.32
CA GLN B 167 18.65 46.07 -0.69
C GLN B 167 17.55 47.00 -0.18
N PRO B 168 17.63 48.30 -0.50
CA PRO B 168 16.63 49.30 -0.10
C PRO B 168 15.18 48.90 -0.45
N SER B 169 14.28 49.08 0.51
CA SER B 169 12.83 48.83 0.35
C SER B 169 12.43 47.44 -0.13
N ARG B 170 13.35 46.49 -0.01
CA ARG B 170 13.11 45.17 -0.57
C ARG B 170 12.66 44.20 0.50
N ASN B 171 11.52 43.57 0.26
CA ASN B 171 11.06 42.45 1.07
C ASN B 171 11.69 41.18 0.54
N PHE B 172 11.76 40.15 1.38
CA PHE B 172 12.28 38.85 0.95
C PHE B 172 11.24 37.79 1.23
N SER B 173 10.89 37.02 0.20
CA SER B 173 9.87 35.98 0.31
C SER B 173 10.50 34.59 0.20
N CYS B 174 10.35 33.76 1.24
CA CYS B 174 10.82 32.39 1.19
C CYS B 174 9.67 31.48 0.78
N MET B 175 9.95 30.55 -0.12
CA MET B 175 8.90 29.77 -0.71
C MET B 175 9.16 28.31 -0.54
N PHE B 176 8.24 27.64 0.17
CA PHE B 176 8.34 26.21 0.42
C PHE B 176 7.54 25.46 -0.61
N TRP B 177 8.23 24.62 -1.37
CA TRP B 177 7.59 23.78 -2.37
C TRP B 177 7.56 22.34 -1.91
N ASN B 178 6.35 21.87 -1.59
CA ASN B 178 6.15 20.49 -1.17
C ASN B 178 5.79 19.73 -2.43
N ALA B 179 6.82 19.18 -3.09
CA ALA B 179 6.68 18.67 -4.47
C ALA B 179 5.71 17.52 -4.61
N HIS B 180 5.89 16.53 -3.74
CA HIS B 180 5.06 15.32 -3.77
C HIS B 180 3.59 15.61 -3.57
N MET B 181 3.29 16.79 -3.05
CA MET B 181 1.91 17.18 -2.80
C MET B 181 1.50 18.42 -3.60
N LYS B 182 2.40 18.90 -4.46
CA LYS B 182 2.14 20.04 -5.33
C LYS B 182 1.63 21.28 -4.61
N GLU B 183 2.22 21.58 -3.46
CA GLU B 183 1.78 22.70 -2.65
C GLU B 183 2.91 23.70 -2.46
N LEU B 184 2.62 24.95 -2.74
CA LEU B 184 3.53 26.05 -2.44
C LEU B 184 2.97 26.85 -1.29
N THR B 185 3.82 27.14 -0.30
CA THR B 185 3.47 28.04 0.80
C THR B 185 4.61 29.03 0.91
N SER B 186 4.38 30.17 1.55
CA SER B 186 5.39 31.21 1.59
C SER B 186 5.20 32.20 2.72
N ALA B 187 6.28 32.89 3.07
CA ALA B 187 6.25 33.93 4.07
C ALA B 187 7.06 35.12 3.55
N ILE B 188 6.68 36.33 3.93
CA ILE B 188 7.39 37.54 3.53
C ILE B 188 8.17 38.03 4.74
N ILE B 189 9.41 38.44 4.51
CA ILE B 189 10.21 39.03 5.56
C ILE B 189 10.53 40.47 5.17
N ASP B 190 10.20 41.39 6.06
CA ASP B 190 10.46 42.81 5.86
C ASP B 190 11.60 43.23 6.78
N PRO B 191 12.77 43.59 6.19
CA PRO B 191 13.96 43.94 6.95
C PRO B 191 13.96 45.39 7.41
C1 GOL C . -2.13 -1.34 -4.95
O1 GOL C . -0.82 -1.48 -5.44
C2 GOL C . -2.19 -0.26 -3.87
O2 GOL C . -1.45 0.86 -4.26
C3 GOL C . -1.59 -0.77 -2.57
O3 GOL C . -0.30 -1.22 -2.79
#